data_2NBI
#
_entry.id   2NBI
#
_entity_poly.entity_id   1
_entity_poly.type   'polypeptide(L)'
_entity_poly.pdbx_seq_one_letter_code
;SYYHHHHHHQPSDLNPSSQPSECADVLEECPIDECFLPYSDASRPPSCLSFGRPDCDVLPTPQNINCPRCCATECRPDNP
MFTPSPDGSPPICSPTMLPTNQPTPPEPSSAPSDCGEVIEECPLDTCFLPTSDPARPPDCTAVGRPDCDVLPFPNNLGCP
ACCPFECSPDNPMFTPSPDGSPPNCSPTMLPTPQPSTPTVITSPAPSSQPSQCAEVIEQCPIDECFLPYGDSSRPLDCTD
PAVNRPDCDVLPTPQNINCPACCAFECRPDNPMFTPSPDGSPPICSPTMMPSPEPSSQPSDCGEVIEECPIDACFLPKSD
SARPPDCTAVGRPDCNVLPFPNNIGCPSCCPFECSPDNPMFTPSPDGSPPNCSPTMLPSPSPSAVTVPLTPAPSSAPTRQ
PSSQPTGPQPSSQPSECADVLELCPYDTCFLPFDDSSRPPDCTDPSVNRPDCDKLSTAIDFTCPTCCPTQCRPDNPMFSP
SPDGSPPVCSPTMMPSPLPSPTE
;
_entity_poly.pdbx_strand_id   A
#
# COMPACT_ATOMS: atom_id res chain seq x y z
N GLN A 10 -42.68 35.60 39.30
CA GLN A 10 -41.54 34.91 39.94
C GLN A 10 -41.30 35.32 41.39
N PRO A 11 -41.28 36.66 41.76
CA PRO A 11 -41.18 37.08 43.18
C PRO A 11 -42.23 36.40 44.06
N SER A 12 -41.90 36.22 45.35
CA SER A 12 -42.72 35.47 46.31
C SER A 12 -42.68 33.98 45.93
N ASP A 13 -41.55 33.64 45.32
CA ASP A 13 -41.22 32.31 44.80
C ASP A 13 -41.28 31.20 45.86
N LEU A 14 -40.25 31.08 46.66
CA LEU A 14 -40.16 30.04 47.67
C LEU A 14 -40.59 30.58 49.02
N ASN A 15 -41.30 31.67 49.01
CA ASN A 15 -41.89 32.20 50.21
C ASN A 15 -43.37 31.96 50.14
N PRO A 16 -43.88 30.98 50.88
CA PRO A 16 -45.29 30.67 50.86
C PRO A 16 -46.10 31.75 51.47
N SER A 17 -46.93 32.30 50.67
CA SER A 17 -47.75 33.38 51.05
C SER A 17 -49.13 32.84 51.48
N SER A 18 -49.19 31.53 51.65
CA SER A 18 -50.38 30.86 52.09
C SER A 18 -49.98 29.70 52.95
N GLN A 19 -50.22 29.82 54.23
CA GLN A 19 -49.93 28.75 55.17
C GLN A 19 -51.13 28.45 56.13
N PRO A 20 -51.67 29.43 56.93
CA PRO A 20 -52.80 29.15 57.87
C PRO A 20 -54.05 28.55 57.18
N SER A 21 -54.14 27.22 57.21
CA SER A 21 -55.19 26.52 56.50
C SER A 21 -55.59 25.16 57.20
N GLU A 22 -54.61 24.33 57.63
CA GLU A 22 -54.95 23.00 58.13
C GLU A 22 -54.94 22.90 59.64
N CYS A 23 -53.80 23.16 60.21
CA CYS A 23 -53.66 23.00 61.65
C CYS A 23 -53.58 24.38 62.28
N ALA A 24 -53.77 24.47 63.58
CA ALA A 24 -53.71 25.73 64.32
C ALA A 24 -52.26 26.09 64.65
N ASP A 25 -51.41 25.84 63.70
CA ASP A 25 -49.99 26.05 63.85
C ASP A 25 -49.47 26.68 62.61
N VAL A 26 -49.68 25.96 61.52
CA VAL A 26 -49.24 26.26 60.15
C VAL A 26 -47.82 26.75 59.96
N LEU A 27 -47.47 26.95 58.70
CA LEU A 27 -46.15 27.32 58.23
C LEU A 27 -45.06 26.36 58.73
N GLU A 28 -45.47 25.07 58.87
CA GLU A 28 -44.63 24.09 59.56
C GLU A 28 -45.06 22.57 59.53
N GLU A 29 -45.77 22.07 58.56
CA GLU A 29 -46.41 20.70 58.70
C GLU A 29 -45.44 19.56 58.57
N CYS A 30 -45.62 18.60 59.50
CA CYS A 30 -44.87 17.32 59.66
C CYS A 30 -44.39 16.56 58.38
N PRO A 31 -45.19 16.50 57.28
CA PRO A 31 -44.81 15.85 56.05
C PRO A 31 -43.45 16.37 55.41
N ILE A 32 -43.51 17.09 54.27
CA ILE A 32 -42.27 17.47 53.51
C ILE A 32 -41.40 16.16 53.17
N ASP A 33 -40.32 16.32 52.43
CA ASP A 33 -39.41 15.23 52.10
C ASP A 33 -38.85 14.58 53.34
N GLU A 34 -38.74 15.38 54.43
CA GLU A 34 -38.31 14.89 55.75
C GLU A 34 -39.13 13.70 56.15
N CYS A 35 -40.40 13.77 55.87
CA CYS A 35 -41.30 12.68 56.12
C CYS A 35 -40.90 11.46 55.30
N PHE A 36 -40.91 11.62 53.96
CA PHE A 36 -40.68 10.57 52.92
C PHE A 36 -41.19 11.13 51.61
N LEU A 37 -40.32 11.86 50.86
CA LEU A 37 -40.74 12.47 49.58
C LEU A 37 -41.68 13.65 49.91
N PRO A 38 -42.15 14.48 48.97
CA PRO A 38 -43.09 15.60 49.30
C PRO A 38 -44.45 15.16 49.92
N TYR A 39 -44.56 13.87 50.37
CA TYR A 39 -45.74 13.24 51.01
C TYR A 39 -46.93 13.14 50.06
N SER A 40 -47.24 14.22 49.46
CA SER A 40 -48.27 14.34 48.51
C SER A 40 -47.67 14.19 47.14
N ASP A 41 -46.53 13.52 47.05
CA ASP A 41 -45.94 13.24 45.76
C ASP A 41 -46.87 12.35 44.94
N ALA A 42 -46.81 11.04 45.20
CA ALA A 42 -47.66 10.08 44.54
C ALA A 42 -47.92 8.82 45.40
N SER A 43 -46.99 7.90 45.38
CA SER A 43 -47.15 6.60 46.02
C SER A 43 -46.09 6.36 47.12
N ARG A 44 -45.76 7.42 47.86
CA ARG A 44 -44.75 7.34 48.94
C ARG A 44 -45.19 6.36 50.06
N PRO A 45 -44.28 5.94 50.98
CA PRO A 45 -44.63 5.08 52.11
C PRO A 45 -45.91 5.58 52.84
N PRO A 46 -46.74 4.67 53.33
CA PRO A 46 -48.05 5.01 53.89
C PRO A 46 -47.98 5.73 55.24
N SER A 47 -49.06 6.39 55.57
CA SER A 47 -49.19 7.18 56.79
C SER A 47 -49.38 6.30 58.05
N CYS A 48 -48.46 5.36 58.25
CA CYS A 48 -48.35 4.52 59.46
C CYS A 48 -49.43 3.49 59.74
N LEU A 49 -50.71 3.76 59.45
CA LEU A 49 -51.78 2.79 59.78
C LEU A 49 -51.66 1.44 59.07
N SER A 50 -50.92 1.43 57.98
CA SER A 50 -50.68 0.21 57.22
C SER A 50 -49.67 -0.69 57.97
N PHE A 51 -48.89 -0.07 58.86
CA PHE A 51 -47.96 -0.80 59.70
C PHE A 51 -48.54 -0.94 61.09
N GLY A 52 -49.58 -0.18 61.34
CA GLY A 52 -50.21 -0.18 62.63
C GLY A 52 -49.36 0.51 63.65
N ARG A 53 -48.67 1.56 63.21
CA ARG A 53 -47.76 2.32 64.08
C ARG A 53 -48.34 3.66 64.57
N PRO A 54 -49.07 3.69 65.72
CA PRO A 54 -49.60 4.96 66.30
C PRO A 54 -48.53 5.64 67.17
N ASP A 55 -47.36 5.07 67.13
CA ASP A 55 -46.17 5.53 67.85
C ASP A 55 -45.33 6.39 66.91
N CYS A 56 -45.52 6.13 65.65
CA CYS A 56 -44.72 6.69 64.63
C CYS A 56 -45.05 8.06 64.23
N ASP A 57 -44.03 8.90 64.37
CA ASP A 57 -44.09 10.31 64.12
C ASP A 57 -45.22 10.94 64.82
N VAL A 58 -45.32 10.59 66.10
CA VAL A 58 -46.17 11.25 67.00
C VAL A 58 -45.79 12.73 66.97
N LEU A 59 -46.80 13.63 67.02
CA LEU A 59 -46.74 15.11 66.82
C LEU A 59 -45.33 15.73 66.48
N PRO A 60 -44.28 15.67 67.37
CA PRO A 60 -42.89 15.94 66.93
C PRO A 60 -42.43 14.85 65.88
N THR A 61 -41.31 14.21 66.16
CA THR A 61 -40.86 13.08 65.38
C THR A 61 -39.83 12.28 66.21
N PRO A 62 -40.23 11.11 66.74
CA PRO A 62 -39.35 10.30 67.54
C PRO A 62 -38.30 9.50 66.73
N GLN A 63 -38.73 8.40 66.01
CA GLN A 63 -37.79 7.56 65.22
C GLN A 63 -36.74 6.97 66.15
N ASN A 64 -37.16 6.78 67.37
CA ASN A 64 -36.33 6.30 68.44
C ASN A 64 -37.09 5.32 69.33
N ILE A 65 -38.23 4.88 68.86
CA ILE A 65 -39.11 4.03 69.60
C ILE A 65 -39.44 2.78 68.79
N ASN A 66 -40.46 2.82 67.97
CA ASN A 66 -40.70 1.69 67.06
C ASN A 66 -40.24 2.04 65.66
N CYS A 67 -41.09 2.76 64.95
CA CYS A 67 -40.90 3.23 63.56
C CYS A 67 -40.07 2.37 62.61
N PRO A 68 -40.73 1.42 61.92
CA PRO A 68 -40.09 0.63 60.89
C PRO A 68 -39.78 1.50 59.67
N ARG A 69 -40.83 2.08 59.04
CA ARG A 69 -40.63 2.97 57.90
C ARG A 69 -41.95 3.66 57.44
N CYS A 70 -42.83 4.06 58.36
CA CYS A 70 -43.94 4.87 57.91
C CYS A 70 -43.80 6.25 58.50
N CYS A 71 -44.65 7.17 58.09
CA CYS A 71 -44.54 8.51 58.52
C CYS A 71 -45.87 9.14 58.94
N ALA A 72 -45.79 9.95 59.99
CA ALA A 72 -46.84 10.85 60.51
C ALA A 72 -48.08 10.21 61.15
N THR A 73 -48.29 10.56 62.43
CA THR A 73 -49.53 10.25 63.13
C THR A 73 -50.01 11.55 63.80
N GLU A 74 -51.34 11.75 63.84
CA GLU A 74 -51.94 12.98 64.34
C GLU A 74 -51.46 14.13 63.47
N CYS A 75 -50.94 15.19 64.10
CA CYS A 75 -50.37 16.35 63.41
C CYS A 75 -51.47 17.22 62.80
N ARG A 76 -52.14 16.68 61.82
CA ARG A 76 -53.22 17.34 61.14
C ARG A 76 -54.48 16.47 61.28
N PRO A 77 -55.67 17.00 61.00
CA PRO A 77 -56.90 16.20 61.00
C PRO A 77 -56.81 15.10 59.97
N ASP A 78 -56.94 13.87 60.46
CA ASP A 78 -56.91 12.65 59.62
C ASP A 78 -55.57 12.55 58.88
N ASN A 79 -54.57 12.13 59.63
CA ASN A 79 -53.18 12.04 59.13
C ASN A 79 -52.95 11.12 57.93
N PRO A 80 -53.67 9.97 57.76
CA PRO A 80 -53.58 9.19 56.54
C PRO A 80 -54.10 9.97 55.37
N MET A 81 -53.36 9.97 54.32
CA MET A 81 -53.73 10.72 53.16
C MET A 81 -53.12 10.12 51.92
N PHE A 82 -53.88 10.17 50.87
CA PHE A 82 -53.49 9.73 49.58
C PHE A 82 -54.21 10.68 48.64
N THR A 83 -54.29 10.38 47.35
CA THR A 83 -54.75 11.33 46.35
C THR A 83 -53.73 12.47 46.36
N PRO A 84 -52.64 12.26 45.63
CA PRO A 84 -51.48 13.11 45.73
C PRO A 84 -51.56 14.40 44.92
N SER A 85 -50.41 15.11 44.79
CA SER A 85 -50.32 16.49 44.25
C SER A 85 -48.95 17.10 44.62
N PRO A 86 -48.13 17.46 43.65
CA PRO A 86 -46.79 18.14 43.86
C PRO A 86 -46.89 19.51 44.56
N ASP A 87 -48.06 19.87 44.97
CA ASP A 87 -48.30 21.15 45.64
C ASP A 87 -49.31 20.98 46.72
N GLY A 88 -49.49 19.76 47.19
CA GLY A 88 -50.52 19.48 48.18
C GLY A 88 -50.41 20.32 49.42
N SER A 89 -49.20 20.50 49.91
CA SER A 89 -49.02 21.10 51.16
C SER A 89 -47.70 21.87 51.25
N PRO A 90 -47.79 23.17 51.34
CA PRO A 90 -46.73 23.99 51.88
C PRO A 90 -46.81 23.73 53.39
N PRO A 91 -45.68 23.42 54.11
CA PRO A 91 -45.78 22.90 55.47
C PRO A 91 -46.63 23.85 56.40
N ILE A 92 -47.64 23.28 57.10
CA ILE A 92 -48.53 23.98 58.07
C ILE A 92 -48.85 23.26 59.57
N CYS A 93 -47.79 22.76 60.38
CA CYS A 93 -47.94 21.94 61.74
C CYS A 93 -46.72 21.02 62.13
N SER A 94 -45.71 21.57 62.91
CA SER A 94 -44.45 20.93 63.37
C SER A 94 -43.12 21.45 62.65
N PRO A 95 -42.59 20.85 61.49
CA PRO A 95 -41.48 21.44 60.65
C PRO A 95 -41.41 22.97 60.46
N THR A 96 -40.90 23.66 61.49
CA THR A 96 -40.65 25.13 61.60
C THR A 96 -40.68 25.47 63.09
N MET A 97 -41.31 24.54 63.88
CA MET A 97 -41.30 24.58 65.36
C MET A 97 -39.91 24.93 65.84
N LEU A 98 -38.96 24.20 65.34
CA LEU A 98 -37.59 24.51 65.53
C LEU A 98 -37.11 25.22 64.26
N PRO A 99 -36.54 26.43 64.38
CA PRO A 99 -36.03 27.19 63.22
C PRO A 99 -34.95 26.44 62.43
N THR A 100 -34.57 27.04 61.31
CA THR A 100 -33.59 26.51 60.40
C THR A 100 -34.15 25.34 59.57
N ASN A 101 -34.87 25.71 58.56
CA ASN A 101 -35.41 24.80 57.58
C ASN A 101 -34.90 25.30 56.26
N GLN A 102 -34.32 24.43 55.45
CA GLN A 102 -33.70 24.83 54.18
C GLN A 102 -34.64 25.65 53.29
N PRO A 103 -34.32 26.94 53.07
CA PRO A 103 -35.09 27.77 52.17
C PRO A 103 -34.66 27.52 50.72
N THR A 104 -33.41 27.89 50.41
CA THR A 104 -32.87 27.72 49.10
C THR A 104 -31.38 28.13 49.12
N PRO A 105 -30.55 27.52 48.24
CA PRO A 105 -29.16 27.97 47.99
C PRO A 105 -29.19 29.41 47.36
N PRO A 106 -28.04 30.01 46.91
CA PRO A 106 -28.06 31.38 46.37
C PRO A 106 -28.78 31.47 45.01
N GLU A 107 -28.62 32.58 44.37
CA GLU A 107 -29.36 32.88 43.16
C GLU A 107 -28.68 32.33 41.88
N PRO A 108 -27.41 32.74 41.55
CA PRO A 108 -26.79 32.29 40.32
C PRO A 108 -26.40 30.82 40.37
N SER A 109 -27.05 30.04 39.54
CA SER A 109 -26.73 28.64 39.43
C SER A 109 -25.77 28.44 38.27
N SER A 110 -25.44 29.52 37.60
CA SER A 110 -24.66 29.47 36.39
C SER A 110 -23.74 30.68 36.35
N ALA A 111 -22.47 30.43 36.11
CA ALA A 111 -21.47 31.46 36.11
C ALA A 111 -20.57 31.29 34.88
N PRO A 112 -19.84 32.37 34.46
CA PRO A 112 -18.89 32.34 33.32
C PRO A 112 -18.04 31.09 33.29
N SER A 113 -18.35 30.22 32.35
CA SER A 113 -17.66 28.96 32.19
C SER A 113 -17.48 28.63 30.72
N ASP A 114 -18.44 29.05 29.88
CA ASP A 114 -18.36 28.68 28.47
C ASP A 114 -17.54 29.68 27.68
N CYS A 115 -18.14 30.80 27.41
CA CYS A 115 -17.54 31.86 26.63
C CYS A 115 -18.49 33.04 26.66
N GLY A 116 -19.72 32.82 26.24
CA GLY A 116 -20.68 33.89 26.29
C GLY A 116 -22.11 33.44 26.42
N GLU A 117 -22.30 32.17 26.66
CA GLU A 117 -23.64 31.67 26.89
C GLU A 117 -23.98 31.92 28.34
N VAL A 118 -22.98 31.78 29.16
CA VAL A 118 -23.11 31.96 30.56
C VAL A 118 -22.35 33.17 31.02
N ILE A 119 -22.88 34.33 30.74
CA ILE A 119 -22.28 35.59 31.19
C ILE A 119 -23.37 36.58 31.59
N GLU A 120 -24.04 36.25 32.71
CA GLU A 120 -25.15 37.05 33.30
C GLU A 120 -26.39 37.07 32.36
N GLU A 121 -26.24 36.44 31.21
CA GLU A 121 -27.22 36.42 30.16
C GLU A 121 -28.46 35.69 30.60
N CYS A 122 -29.54 36.42 30.69
CA CYS A 122 -30.85 35.89 31.00
C CYS A 122 -31.40 34.88 29.94
N PRO A 123 -31.05 34.97 28.57
CA PRO A 123 -31.50 34.02 27.58
C PRO A 123 -31.40 32.56 28.07
N LEU A 124 -30.13 32.07 28.24
CA LEU A 124 -29.79 30.71 28.74
C LEU A 124 -30.63 29.61 28.14
N ASP A 125 -31.70 29.36 28.78
CA ASP A 125 -32.77 28.50 28.32
C ASP A 125 -34.09 28.95 28.95
N THR A 126 -33.95 29.80 29.98
CA THR A 126 -35.04 30.35 30.77
C THR A 126 -36.03 31.15 29.90
N CYS A 127 -35.49 31.82 28.89
CA CYS A 127 -36.26 32.51 27.89
C CYS A 127 -37.11 31.51 27.12
N PHE A 128 -36.42 30.57 26.48
CA PHE A 128 -36.91 29.57 25.56
C PHE A 128 -35.71 29.05 24.83
N LEU A 129 -34.99 28.08 25.44
CA LEU A 129 -33.79 27.46 24.82
C LEU A 129 -32.62 28.48 24.82
N PRO A 130 -31.39 28.06 24.51
CA PRO A 130 -30.31 29.00 24.35
C PRO A 130 -30.51 29.77 23.02
N THR A 131 -30.19 31.04 23.02
CA THR A 131 -30.50 31.94 21.91
C THR A 131 -30.02 31.44 20.50
N SER A 132 -28.88 30.82 20.45
CA SER A 132 -28.32 30.40 19.21
C SER A 132 -28.58 28.88 18.95
N ASP A 133 -29.51 28.25 19.68
CA ASP A 133 -29.76 26.81 19.47
C ASP A 133 -30.42 26.49 18.05
N PRO A 134 -31.80 26.44 17.83
CA PRO A 134 -32.37 26.17 16.51
C PRO A 134 -33.20 27.35 15.99
N ALA A 135 -32.80 28.56 16.38
CA ALA A 135 -33.60 29.77 16.15
C ALA A 135 -34.88 29.67 16.97
N ARG A 136 -34.65 29.67 18.27
CA ARG A 136 -35.70 29.70 19.30
C ARG A 136 -36.67 30.88 19.11
N PRO A 137 -37.84 30.91 19.81
CA PRO A 137 -38.74 32.05 19.71
C PRO A 137 -37.96 33.33 19.97
N PRO A 138 -38.14 34.33 19.12
CA PRO A 138 -37.28 35.52 19.06
C PRO A 138 -37.41 36.50 20.23
N ASP A 139 -36.60 37.52 20.18
CA ASP A 139 -36.52 38.53 21.24
C ASP A 139 -37.44 39.74 21.04
N CYS A 140 -38.67 39.47 20.67
CA CYS A 140 -39.77 40.48 20.66
C CYS A 140 -39.55 41.68 19.79
N THR A 141 -38.89 42.73 20.31
CA THR A 141 -38.46 43.91 19.51
C THR A 141 -37.79 43.41 18.22
N ALA A 142 -37.00 42.37 18.40
CA ALA A 142 -36.40 41.59 17.37
C ALA A 142 -37.39 41.20 16.21
N VAL A 143 -38.71 41.21 16.47
CA VAL A 143 -39.73 40.98 15.45
C VAL A 143 -40.60 42.23 15.31
N GLY A 144 -40.49 43.13 16.28
CA GLY A 144 -41.31 44.29 16.27
C GLY A 144 -42.08 44.60 17.54
N ARG A 145 -41.82 43.88 18.63
CA ARG A 145 -42.42 44.18 19.95
C ARG A 145 -41.53 45.09 20.78
N PRO A 146 -41.61 46.43 20.61
CA PRO A 146 -40.70 47.36 21.28
C PRO A 146 -41.18 47.61 22.70
N ASP A 147 -42.30 47.03 22.99
CA ASP A 147 -42.91 47.09 24.31
C ASP A 147 -42.12 46.17 25.20
N CYS A 148 -41.81 45.06 24.62
CA CYS A 148 -41.06 44.03 25.26
C CYS A 148 -39.58 44.28 25.02
N ASP A 149 -39.21 45.53 24.93
CA ASP A 149 -37.81 45.87 24.80
C ASP A 149 -37.27 46.04 26.19
N VAL A 150 -38.21 46.12 27.13
CA VAL A 150 -37.90 46.21 28.51
C VAL A 150 -37.69 44.83 29.13
N LEU A 151 -36.68 44.73 29.98
CA LEU A 151 -36.30 43.49 30.67
C LEU A 151 -37.50 42.90 31.49
N PRO A 152 -38.01 43.59 32.59
CA PRO A 152 -39.20 43.13 33.27
C PRO A 152 -40.30 42.99 32.24
N PHE A 153 -40.97 41.88 32.26
CA PHE A 153 -41.83 41.54 31.19
C PHE A 153 -43.13 42.29 31.32
N PRO A 154 -43.45 43.17 30.34
CA PRO A 154 -44.64 43.96 30.42
C PRO A 154 -45.85 43.09 30.37
N ASN A 155 -45.93 42.26 29.29
CA ASN A 155 -47.04 41.33 29.05
C ASN A 155 -48.38 41.98 29.33
N ASN A 156 -48.49 43.23 28.91
CA ASN A 156 -49.63 44.03 29.20
C ASN A 156 -50.04 44.86 27.99
N LEU A 157 -49.61 44.44 26.81
CA LEU A 157 -49.82 45.19 25.57
C LEU A 157 -49.22 44.47 24.37
N GLY A 158 -47.92 44.28 24.37
CA GLY A 158 -47.27 43.83 23.14
C GLY A 158 -46.94 42.37 23.06
N CYS A 159 -46.03 41.95 23.90
CA CYS A 159 -45.52 40.57 24.02
C CYS A 159 -46.52 39.45 23.64
N PRO A 160 -46.34 38.80 22.46
CA PRO A 160 -47.11 37.63 22.16
C PRO A 160 -46.58 36.47 22.99
N ALA A 161 -45.36 36.04 22.69
CA ALA A 161 -44.69 35.00 23.45
C ALA A 161 -43.19 35.07 23.24
N CYS A 162 -42.68 36.19 22.74
CA CYS A 162 -41.25 36.32 22.55
C CYS A 162 -40.58 36.80 23.85
N CYS A 163 -39.27 36.90 23.85
CA CYS A 163 -38.52 37.35 25.02
C CYS A 163 -38.22 38.84 24.94
N PRO A 164 -37.87 39.52 26.06
CA PRO A 164 -37.65 40.95 26.04
C PRO A 164 -36.22 41.34 25.57
N PHE A 165 -35.58 42.32 26.21
CA PHE A 165 -34.31 42.81 25.73
C PHE A 165 -33.47 43.41 26.87
N GLU A 166 -32.35 44.03 26.49
CA GLU A 166 -31.34 44.61 27.39
C GLU A 166 -30.58 43.53 28.12
N CYS A 167 -30.87 43.33 29.41
CA CYS A 167 -30.30 42.24 30.21
C CYS A 167 -28.77 42.38 30.49
N SER A 168 -27.99 42.41 29.45
CA SER A 168 -26.55 42.45 29.52
C SER A 168 -25.98 43.36 28.41
N PRO A 169 -24.69 43.79 28.48
CA PRO A 169 -24.06 44.67 27.47
C PRO A 169 -24.10 44.12 26.06
N ASP A 170 -24.28 45.05 25.11
CA ASP A 170 -24.37 44.77 23.64
C ASP A 170 -25.34 43.65 23.34
N ASN A 171 -26.58 44.04 23.29
CA ASN A 171 -27.68 43.13 23.19
C ASN A 171 -28.08 42.63 21.77
N PRO A 172 -27.76 43.34 20.62
CA PRO A 172 -28.08 42.80 19.29
C PRO A 172 -27.36 41.50 19.03
N MET A 173 -28.11 40.53 18.63
CA MET A 173 -27.57 39.22 18.33
C MET A 173 -28.48 38.56 17.34
N PHE A 174 -27.90 37.80 16.44
CA PHE A 174 -28.63 37.08 15.45
C PHE A 174 -27.70 35.95 15.00
N THR A 175 -28.17 35.12 14.08
CA THR A 175 -27.43 33.99 13.54
C THR A 175 -27.35 32.85 14.57
N PRO A 176 -28.25 31.86 14.46
CA PRO A 176 -28.26 30.73 15.36
C PRO A 176 -27.46 29.55 14.78
N SER A 177 -27.77 28.35 15.28
CA SER A 177 -27.14 27.11 14.90
C SER A 177 -25.80 26.95 15.61
N PRO A 178 -25.59 25.82 16.31
CA PRO A 178 -24.30 25.50 17.01
C PRO A 178 -23.12 25.49 16.05
N ASP A 179 -23.44 25.48 14.77
CA ASP A 179 -22.43 25.42 13.74
C ASP A 179 -22.56 26.56 12.77
N GLY A 180 -23.40 27.54 13.12
CA GLY A 180 -23.63 28.70 12.27
C GLY A 180 -22.37 29.51 11.90
N SER A 181 -21.43 29.51 12.78
CA SER A 181 -20.21 30.22 12.70
C SER A 181 -19.21 29.42 13.44
N PRO A 182 -17.90 29.72 13.31
CA PRO A 182 -16.91 29.14 14.18
C PRO A 182 -17.19 29.66 15.61
N PRO A 183 -17.72 28.79 16.50
CA PRO A 183 -18.18 29.20 17.83
C PRO A 183 -17.09 29.82 18.69
N ASN A 184 -15.83 29.42 18.43
CA ASN A 184 -14.61 29.84 19.19
C ASN A 184 -14.70 29.48 20.68
N CYS A 185 -13.65 29.78 21.46
CA CYS A 185 -13.63 29.46 22.90
C CYS A 185 -13.64 27.94 23.10
N SER A 186 -12.73 27.28 22.36
CA SER A 186 -12.53 25.82 22.27
C SER A 186 -13.13 25.17 21.00
N PRO A 187 -14.48 25.17 20.75
CA PRO A 187 -15.00 24.61 19.52
C PRO A 187 -14.65 25.52 18.35
N THR A 188 -13.54 25.17 17.65
CA THR A 188 -12.91 25.85 16.47
C THR A 188 -11.38 25.87 16.70
N MET A 189 -10.97 25.55 17.95
CA MET A 189 -9.56 25.52 18.36
C MET A 189 -8.67 24.75 17.40
N LEU A 190 -9.10 23.57 17.02
CA LEU A 190 -8.30 22.71 16.17
C LEU A 190 -8.74 22.89 14.70
N PRO A 191 -7.87 23.47 13.84
CA PRO A 191 -8.15 23.65 12.43
C PRO A 191 -7.91 22.36 11.64
N THR A 192 -8.78 22.06 10.71
CA THR A 192 -8.59 20.95 9.83
C THR A 192 -8.99 21.37 8.41
N PRO A 193 -8.07 22.05 7.69
CA PRO A 193 -8.30 22.50 6.33
C PRO A 193 -8.56 21.36 5.35
N GLN A 194 -9.39 21.63 4.38
CA GLN A 194 -9.75 20.68 3.35
C GLN A 194 -8.66 20.47 2.27
N PRO A 195 -8.03 21.55 1.69
CA PRO A 195 -6.95 21.37 0.69
C PRO A 195 -5.73 20.66 1.31
N SER A 196 -5.23 21.23 2.37
CA SER A 196 -4.11 20.67 3.07
C SER A 196 -4.59 20.14 4.42
N THR A 197 -4.96 18.89 4.45
CA THR A 197 -5.46 18.29 5.66
C THR A 197 -4.29 17.67 6.46
N PRO A 198 -3.98 18.19 7.65
CA PRO A 198 -2.83 17.76 8.46
C PRO A 198 -3.11 16.53 9.34
N THR A 199 -4.12 15.77 9.03
CA THR A 199 -4.43 14.60 9.79
C THR A 199 -3.71 13.38 9.23
N VAL A 200 -2.66 12.96 9.93
CA VAL A 200 -1.81 11.81 9.58
C VAL A 200 -0.92 12.09 8.37
N ILE A 201 -1.55 12.40 7.22
CA ILE A 201 -0.89 12.61 5.95
C ILE A 201 -0.22 11.31 5.50
N THR A 202 -0.95 10.55 4.75
CA THR A 202 -0.49 9.30 4.27
C THR A 202 0.30 9.46 2.97
N SER A 203 1.64 9.42 3.13
CA SER A 203 2.61 9.59 2.05
C SER A 203 2.62 11.07 1.54
N PRO A 204 3.67 11.49 0.78
CA PRO A 204 3.70 12.80 0.15
C PRO A 204 2.46 13.03 -0.72
N ALA A 205 2.02 14.28 -0.78
CA ALA A 205 0.86 14.66 -1.58
C ALA A 205 0.94 14.20 -3.06
N PRO A 206 2.05 14.49 -3.80
CA PRO A 206 2.17 14.03 -5.18
C PRO A 206 2.38 12.52 -5.27
N SER A 207 1.49 11.85 -5.92
CA SER A 207 1.61 10.43 -6.12
C SER A 207 2.00 10.15 -7.56
N SER A 208 2.03 11.19 -8.38
CA SER A 208 2.39 11.09 -9.78
C SER A 208 2.76 12.46 -10.32
N GLN A 209 4.03 12.67 -10.57
CA GLN A 209 4.49 13.88 -11.25
C GLN A 209 5.62 13.56 -12.23
N PRO A 210 6.81 13.08 -11.78
CA PRO A 210 7.88 12.82 -12.68
C PRO A 210 7.76 11.43 -13.25
N SER A 211 6.82 11.27 -14.15
CA SER A 211 6.56 9.99 -14.75
C SER A 211 7.10 9.97 -16.16
N GLN A 212 7.35 11.15 -16.69
CA GLN A 212 8.01 11.29 -17.96
C GLN A 212 9.48 11.54 -17.66
N CYS A 213 9.74 12.67 -17.03
CA CYS A 213 11.06 13.07 -16.56
C CYS A 213 10.87 14.44 -15.95
N ALA A 214 10.61 15.41 -16.80
CA ALA A 214 10.37 16.76 -16.38
C ALA A 214 9.37 17.39 -17.33
N GLU A 215 8.12 17.16 -17.06
CA GLU A 215 7.04 17.75 -17.82
C GLU A 215 5.97 18.21 -16.86
N VAL A 216 5.47 17.26 -16.12
CA VAL A 216 4.43 17.51 -15.18
C VAL A 216 5.04 17.54 -13.80
N ILE A 217 5.63 18.65 -13.44
CA ILE A 217 6.24 18.73 -12.13
C ILE A 217 5.94 20.08 -11.45
N GLU A 218 4.63 20.29 -11.13
CA GLU A 218 4.07 21.49 -10.43
C GLU A 218 4.96 22.75 -10.63
N GLN A 219 5.21 23.04 -11.88
CA GLN A 219 6.22 23.99 -12.37
C GLN A 219 5.85 25.49 -12.09
N CYS A 220 5.64 25.86 -10.82
CA CYS A 220 5.23 27.24 -10.50
C CYS A 220 5.53 27.81 -9.08
N PRO A 221 5.17 27.11 -7.96
CA PRO A 221 5.15 27.73 -6.61
C PRO A 221 6.50 28.25 -6.07
N ILE A 222 7.18 27.39 -5.29
CA ILE A 222 8.34 27.75 -4.48
C ILE A 222 7.80 28.55 -3.29
N ASP A 223 8.45 28.48 -2.15
CA ASP A 223 7.91 29.08 -0.94
C ASP A 223 7.69 30.59 -1.14
N GLU A 224 8.56 31.22 -1.98
CA GLU A 224 8.50 32.64 -2.32
C GLU A 224 7.11 33.03 -2.85
N CYS A 225 6.44 32.08 -3.47
CA CYS A 225 5.09 32.30 -3.92
C CYS A 225 4.16 31.84 -2.81
N PHE A 226 4.35 30.58 -2.37
CA PHE A 226 3.50 29.83 -1.41
C PHE A 226 3.80 28.34 -1.52
N LEU A 227 4.29 27.77 -0.41
CA LEU A 227 4.52 26.32 -0.26
C LEU A 227 5.75 25.80 -1.01
N PRO A 228 6.34 24.67 -0.53
CA PRO A 228 7.55 24.07 -1.09
C PRO A 228 7.59 23.89 -2.62
N TYR A 229 8.81 23.79 -3.07
CA TYR A 229 9.22 23.62 -4.45
C TYR A 229 8.42 22.56 -5.19
N GLY A 230 7.45 23.05 -5.95
CA GLY A 230 6.58 22.23 -6.76
C GLY A 230 5.91 21.11 -6.00
N ASP A 231 5.56 21.38 -4.73
CA ASP A 231 4.92 20.37 -3.83
C ASP A 231 3.80 19.61 -4.54
N SER A 232 2.61 20.24 -4.54
CA SER A 232 1.32 19.82 -5.15
C SER A 232 0.19 20.57 -4.44
N SER A 233 0.32 20.68 -3.13
CA SER A 233 -0.71 21.22 -2.24
C SER A 233 -0.73 22.76 -2.26
N ARG A 234 -0.08 23.33 -3.24
CA ARG A 234 0.03 24.77 -3.33
C ARG A 234 -1.27 25.39 -3.76
N PRO A 235 -1.59 26.58 -3.21
CA PRO A 235 -2.83 27.34 -3.48
C PRO A 235 -3.14 27.51 -4.96
N LEU A 236 -4.31 28.00 -5.25
CA LEU A 236 -4.75 28.16 -6.62
C LEU A 236 -3.91 29.19 -7.37
N ASP A 237 -3.88 29.05 -8.68
CA ASP A 237 -3.07 29.85 -9.62
C ASP A 237 -3.59 31.30 -9.80
N CYS A 238 -4.30 31.81 -8.82
CA CYS A 238 -4.87 33.16 -8.83
C CYS A 238 -5.88 33.42 -9.95
N THR A 239 -5.38 33.62 -11.18
CA THR A 239 -6.17 34.01 -12.36
C THR A 239 -7.49 33.28 -12.42
N ASP A 240 -8.56 34.04 -12.71
CA ASP A 240 -10.00 33.63 -12.63
C ASP A 240 -10.31 32.13 -12.65
N PRO A 241 -9.89 31.35 -13.68
CA PRO A 241 -10.07 29.88 -13.69
C PRO A 241 -9.63 29.20 -12.37
N ALA A 242 -8.65 29.77 -11.69
CA ALA A 242 -8.19 29.21 -10.45
C ALA A 242 -8.90 29.86 -9.25
N VAL A 243 -8.92 31.22 -9.14
CA VAL A 243 -9.77 31.88 -8.12
C VAL A 243 -10.48 33.13 -8.65
N ASN A 244 -9.71 34.19 -8.99
CA ASN A 244 -10.28 35.48 -9.44
C ASN A 244 -9.17 36.57 -9.62
N ARG A 245 -7.90 36.18 -9.61
CA ARG A 245 -6.81 37.19 -9.67
C ARG A 245 -5.90 37.07 -10.89
N PRO A 246 -6.28 37.67 -12.03
CA PRO A 246 -5.52 37.56 -13.31
C PRO A 246 -4.28 38.43 -13.33
N ASP A 247 -4.07 39.13 -12.24
CA ASP A 247 -2.94 40.01 -12.08
C ASP A 247 -1.70 39.14 -11.82
N CYS A 248 -1.91 38.13 -11.00
CA CYS A 248 -0.86 37.18 -10.64
C CYS A 248 -0.67 36.14 -11.75
N ASP A 249 -0.98 36.55 -12.97
CA ASP A 249 -0.79 35.76 -14.16
C ASP A 249 0.68 35.67 -14.42
N VAL A 250 1.38 36.71 -13.99
CA VAL A 250 2.82 36.75 -14.13
C VAL A 250 3.46 35.77 -13.13
N LEU A 251 4.15 34.77 -13.66
CA LEU A 251 4.78 33.70 -12.84
C LEU A 251 5.74 34.27 -11.77
N PRO A 252 6.80 35.08 -12.13
CA PRO A 252 7.65 35.71 -11.12
C PRO A 252 6.79 36.66 -10.32
N THR A 253 6.45 36.26 -9.12
CA THR A 253 5.55 36.98 -8.30
C THR A 253 6.18 38.31 -7.81
N PRO A 254 5.62 39.46 -8.26
CA PRO A 254 6.08 40.79 -7.84
C PRO A 254 5.76 41.04 -6.37
N GLN A 255 4.76 40.30 -5.86
CA GLN A 255 4.29 40.38 -4.46
C GLN A 255 3.48 41.67 -4.20
N ASN A 256 3.88 42.72 -4.87
CA ASN A 256 3.30 44.05 -4.72
C ASN A 256 2.09 44.22 -5.65
N ILE A 257 1.48 43.12 -6.01
CA ILE A 257 0.34 43.12 -6.89
C ILE A 257 -0.79 42.38 -6.21
N ASN A 258 -1.89 42.17 -6.90
CA ASN A 258 -3.11 41.62 -6.27
C ASN A 258 -3.10 40.11 -6.05
N CYS A 259 -2.05 39.63 -5.44
CA CYS A 259 -1.95 38.25 -5.01
C CYS A 259 -2.29 38.22 -3.51
N PRO A 260 -3.51 37.83 -3.13
CA PRO A 260 -3.91 37.75 -1.74
C PRO A 260 -3.40 36.48 -1.04
N ALA A 261 -3.94 35.34 -1.42
CA ALA A 261 -3.56 34.07 -0.81
C ALA A 261 -3.38 32.98 -1.86
N CYS A 262 -3.31 33.37 -3.09
CA CYS A 262 -3.13 32.42 -4.17
C CYS A 262 -1.72 32.52 -4.76
N CYS A 263 -1.37 31.63 -5.67
CA CYS A 263 -0.03 31.60 -6.24
C CYS A 263 -0.13 32.03 -7.71
N ALA A 264 0.99 32.19 -8.37
CA ALA A 264 1.03 32.67 -9.75
C ALA A 264 0.48 31.66 -10.76
N PHE A 265 0.18 32.15 -11.95
CA PHE A 265 -0.42 31.36 -13.03
C PHE A 265 0.69 30.79 -13.94
N GLU A 266 0.35 30.46 -15.21
CA GLU A 266 1.24 29.83 -16.18
C GLU A 266 1.52 28.40 -15.77
N CYS A 267 2.52 28.22 -14.95
CA CYS A 267 2.84 26.97 -14.27
C CYS A 267 3.04 25.74 -15.19
N ARG A 268 1.94 25.14 -15.64
CA ARG A 268 1.93 23.80 -16.26
C ARG A 268 2.94 23.56 -17.39
N PRO A 269 2.89 24.24 -18.53
CA PRO A 269 3.88 23.96 -19.52
C PRO A 269 5.10 24.84 -19.36
N ASP A 270 6.07 24.27 -18.64
CA ASP A 270 7.46 24.74 -18.49
C ASP A 270 7.69 26.19 -18.81
N ASN A 271 7.43 27.09 -17.90
CA ASN A 271 7.72 28.44 -18.27
C ASN A 271 9.01 28.95 -17.60
N PRO A 272 9.17 28.87 -16.24
CA PRO A 272 10.51 28.87 -15.64
C PRO A 272 10.58 28.09 -14.24
N MET A 273 11.22 26.91 -14.17
CA MET A 273 11.26 26.16 -12.87
C MET A 273 11.90 24.79 -13.04
N PHE A 274 12.11 24.09 -11.93
CA PHE A 274 12.52 22.71 -11.87
C PHE A 274 12.43 22.27 -10.41
N THR A 275 12.20 20.97 -10.17
CA THR A 275 12.14 20.35 -8.82
C THR A 275 10.73 20.46 -8.15
N PRO A 276 9.97 19.33 -8.09
CA PRO A 276 8.66 19.28 -7.42
C PRO A 276 8.71 18.52 -6.06
N SER A 277 7.50 18.24 -5.47
CA SER A 277 7.38 17.48 -4.22
C SER A 277 7.94 18.24 -2.98
N PRO A 278 7.34 18.03 -1.78
CA PRO A 278 7.75 18.73 -0.54
C PRO A 278 9.21 18.47 -0.16
N ASP A 279 9.71 17.30 -0.49
CA ASP A 279 11.06 16.92 -0.12
C ASP A 279 11.85 16.57 -1.34
N GLY A 280 11.35 16.98 -2.48
CA GLY A 280 11.96 16.63 -3.72
C GLY A 280 11.68 15.19 -4.05
N SER A 281 12.58 14.57 -4.74
CA SER A 281 12.46 13.19 -5.17
C SER A 281 13.85 12.71 -5.52
N PRO A 282 14.08 11.37 -5.62
CA PRO A 282 15.35 10.84 -6.11
C PRO A 282 15.64 11.43 -7.49
N PRO A 283 16.66 12.28 -7.59
CA PRO A 283 16.93 12.99 -8.80
C PRO A 283 17.69 12.19 -9.85
N ILE A 284 16.97 11.45 -10.62
CA ILE A 284 17.56 10.71 -11.72
C ILE A 284 17.39 11.48 -13.01
N CYS A 285 16.44 12.38 -13.00
CA CYS A 285 16.13 13.23 -14.12
C CYS A 285 16.83 14.56 -13.94
N SER A 286 18.09 14.60 -14.38
CA SER A 286 18.97 15.78 -14.36
C SER A 286 20.01 15.86 -13.19
N PRO A 287 19.64 16.15 -11.89
CA PRO A 287 20.63 16.22 -10.81
C PRO A 287 21.21 14.86 -10.42
N THR A 288 22.18 14.45 -11.21
CA THR A 288 22.92 13.17 -11.15
C THR A 288 23.82 13.12 -12.41
N MET A 289 23.43 13.89 -13.44
CA MET A 289 24.20 13.97 -14.70
C MET A 289 25.66 14.32 -14.47
N MET A 290 25.91 15.26 -13.59
CA MET A 290 27.27 15.74 -13.34
C MET A 290 28.17 14.72 -12.59
N PRO A 291 27.81 14.23 -11.35
CA PRO A 291 28.64 13.23 -10.67
C PRO A 291 28.65 11.89 -11.40
N SER A 292 29.82 11.38 -11.65
CA SER A 292 29.95 10.12 -12.34
C SER A 292 31.19 9.39 -11.82
N PRO A 293 31.07 8.67 -10.71
CA PRO A 293 32.14 7.86 -10.21
C PRO A 293 31.97 6.41 -10.68
N GLU A 294 32.68 6.04 -11.75
CA GLU A 294 32.61 4.67 -12.26
C GLU A 294 33.11 3.67 -11.21
N PRO A 295 34.31 3.86 -10.60
CA PRO A 295 34.70 3.07 -9.47
C PRO A 295 34.22 3.76 -8.20
N SER A 296 33.18 3.24 -7.62
CA SER A 296 32.62 3.81 -6.42
C SER A 296 32.73 2.81 -5.28
N SER A 297 33.42 1.73 -5.54
CA SER A 297 33.68 0.67 -4.61
C SER A 297 34.95 -0.03 -5.05
N GLN A 298 35.65 -0.64 -4.13
CA GLN A 298 36.85 -1.37 -4.47
C GLN A 298 36.76 -2.86 -4.03
N PRO A 299 36.45 -3.19 -2.72
CA PRO A 299 36.43 -4.58 -2.26
C PRO A 299 35.30 -5.45 -2.87
N SER A 300 35.62 -6.13 -3.97
CA SER A 300 34.73 -7.12 -4.57
C SER A 300 35.37 -8.53 -4.44
N ASP A 301 36.67 -8.51 -4.16
CA ASP A 301 37.50 -9.72 -3.97
C ASP A 301 37.16 -10.40 -2.64
N CYS A 302 37.66 -9.81 -1.59
CA CYS A 302 37.52 -10.28 -0.22
C CYS A 302 38.37 -9.38 0.62
N GLY A 303 39.63 -9.23 0.22
CA GLY A 303 40.51 -8.39 0.97
C GLY A 303 41.76 -8.00 0.23
N GLU A 304 41.87 -8.35 -1.04
CA GLU A 304 43.03 -7.94 -1.78
C GLU A 304 42.76 -6.60 -2.48
N VAL A 305 41.59 -6.42 -3.05
CA VAL A 305 41.30 -5.13 -3.69
C VAL A 305 40.93 -4.03 -2.72
N ILE A 306 41.95 -3.63 -1.96
CA ILE A 306 41.93 -2.52 -1.01
C ILE A 306 43.37 -2.05 -0.77
N GLU A 307 43.85 -1.13 -1.64
CA GLU A 307 45.21 -0.49 -1.60
C GLU A 307 46.38 -1.49 -1.50
N GLU A 308 46.13 -2.69 -1.96
CA GLU A 308 47.09 -3.75 -1.95
C GLU A 308 48.04 -3.59 -3.13
N CYS A 309 49.24 -4.09 -2.99
CA CYS A 309 50.27 -3.98 -4.02
C CYS A 309 49.84 -4.33 -5.51
N PRO A 310 49.00 -5.40 -5.81
CA PRO A 310 48.58 -5.66 -7.17
C PRO A 310 47.51 -4.66 -7.67
N ILE A 311 46.20 -5.04 -7.56
CA ILE A 311 45.07 -4.16 -7.98
C ILE A 311 45.11 -3.91 -9.53
N ASP A 312 44.08 -3.27 -10.05
CA ASP A 312 44.03 -2.87 -11.45
C ASP A 312 45.18 -1.91 -11.77
N ALA A 313 45.69 -1.24 -10.71
CA ALA A 313 46.84 -0.36 -10.78
C ALA A 313 48.09 -1.13 -11.25
N CYS A 314 48.15 -2.42 -10.96
CA CYS A 314 49.18 -3.28 -11.49
C CYS A 314 48.94 -3.42 -12.97
N PHE A 315 47.72 -3.85 -13.30
CA PHE A 315 47.24 -4.04 -14.66
C PHE A 315 46.03 -4.94 -14.56
N LEU A 316 44.84 -4.34 -14.57
CA LEU A 316 43.56 -5.08 -14.50
C LEU A 316 43.30 -5.71 -13.11
N PRO A 317 42.03 -5.87 -12.75
CA PRO A 317 41.66 -6.58 -11.53
C PRO A 317 42.02 -8.05 -11.66
N LYS A 318 43.29 -8.34 -11.32
CA LYS A 318 43.97 -9.68 -11.23
C LYS A 318 43.18 -10.95 -11.67
N SER A 319 41.98 -11.11 -11.14
CA SER A 319 41.11 -12.27 -11.31
C SER A 319 40.48 -12.30 -12.72
N ASP A 320 40.84 -11.33 -13.54
CA ASP A 320 40.35 -11.27 -14.92
C ASP A 320 40.75 -12.53 -15.70
N SER A 321 42.01 -12.64 -16.02
CA SER A 321 42.51 -13.77 -16.77
C SER A 321 43.89 -14.10 -16.25
N ALA A 322 44.14 -13.66 -15.01
CA ALA A 322 45.44 -13.72 -14.37
C ALA A 322 46.37 -12.80 -15.13
N ARG A 323 46.31 -11.54 -14.76
CA ARG A 323 47.09 -10.48 -15.40
C ARG A 323 48.60 -10.75 -15.39
N PRO A 324 49.39 -10.07 -16.31
CA PRO A 324 50.86 -10.17 -16.41
C PRO A 324 51.55 -10.52 -15.09
N PRO A 325 52.50 -11.44 -15.12
CA PRO A 325 53.17 -11.98 -13.93
C PRO A 325 53.89 -10.94 -13.07
N ASP A 326 54.14 -11.30 -11.85
CA ASP A 326 54.80 -10.44 -10.89
C ASP A 326 56.32 -10.59 -10.94
N CYS A 327 56.88 -10.25 -12.09
CA CYS A 327 58.36 -10.17 -12.37
C CYS A 327 59.21 -11.36 -11.87
N THR A 328 59.47 -11.43 -10.56
CA THR A 328 60.22 -12.53 -9.97
C THR A 328 59.51 -13.84 -10.30
N ALA A 329 58.21 -13.75 -10.52
CA ALA A 329 57.37 -14.86 -10.93
C ALA A 329 57.87 -15.50 -12.25
N VAL A 330 58.53 -14.71 -13.11
CA VAL A 330 59.09 -15.26 -14.35
C VAL A 330 60.61 -15.37 -14.26
N GLY A 331 61.19 -14.67 -13.31
CA GLY A 331 62.62 -14.71 -13.15
C GLY A 331 63.27 -13.33 -13.13
N ARG A 332 62.56 -12.33 -12.67
CA ARG A 332 63.13 -10.98 -12.52
C ARG A 332 63.21 -10.56 -11.07
N PRO A 333 64.27 -10.99 -10.34
CA PRO A 333 64.44 -10.67 -8.91
C PRO A 333 64.73 -9.19 -8.68
N ASP A 334 65.04 -8.46 -9.74
CA ASP A 334 65.25 -7.00 -9.66
C ASP A 334 63.99 -6.33 -9.14
N CYS A 335 62.91 -6.73 -9.73
CA CYS A 335 61.62 -6.15 -9.49
C CYS A 335 61.00 -6.70 -8.21
N ASN A 336 61.67 -7.67 -7.61
CA ASN A 336 61.24 -8.28 -6.34
C ASN A 336 61.15 -7.20 -5.25
N VAL A 337 61.92 -6.17 -5.44
CA VAL A 337 61.88 -5.06 -4.56
C VAL A 337 60.59 -4.30 -4.85
N LEU A 338 59.69 -4.34 -3.88
CA LEU A 338 58.40 -3.63 -3.94
C LEU A 338 58.55 -2.18 -4.53
N PRO A 339 59.47 -1.29 -3.98
CA PRO A 339 59.81 -0.05 -4.69
C PRO A 339 60.32 -0.42 -6.09
N PHE A 340 59.65 0.07 -7.10
CA PHE A 340 59.83 -0.45 -8.44
C PHE A 340 61.04 0.17 -9.15
N PRO A 341 62.05 -0.67 -9.51
CA PRO A 341 63.24 -0.20 -10.23
C PRO A 341 62.94 0.09 -11.70
N ASN A 342 62.57 -0.97 -12.44
CA ASN A 342 62.22 -0.95 -13.88
C ASN A 342 63.26 -0.25 -14.77
N ASN A 343 64.47 -0.12 -14.27
CA ASN A 343 65.57 0.45 -15.04
C ASN A 343 66.68 -0.56 -15.16
N ILE A 344 66.42 -1.72 -14.63
CA ILE A 344 67.38 -2.78 -14.58
C ILE A 344 66.74 -4.00 -15.22
N GLY A 345 65.71 -4.51 -14.59
CA GLY A 345 64.97 -5.59 -15.17
C GLY A 345 63.62 -5.13 -15.67
N CYS A 346 62.58 -5.61 -15.00
CA CYS A 346 61.13 -5.37 -15.28
C CYS A 346 60.79 -5.09 -16.77
N PRO A 347 60.51 -6.13 -17.58
CA PRO A 347 60.19 -5.93 -18.98
C PRO A 347 58.76 -5.40 -19.21
N SER A 348 57.82 -5.83 -18.35
CA SER A 348 56.37 -5.47 -18.39
C SER A 348 55.62 -6.23 -17.29
N CYS A 349 56.15 -6.21 -16.10
CA CYS A 349 55.55 -6.95 -15.03
C CYS A 349 55.46 -6.11 -13.73
N CYS A 350 54.85 -6.67 -12.70
CA CYS A 350 54.68 -6.01 -11.39
C CYS A 350 55.72 -6.54 -10.37
N PRO A 351 55.93 -5.87 -9.18
CA PRO A 351 56.96 -6.29 -8.18
C PRO A 351 56.67 -7.67 -7.50
N PHE A 352 56.90 -7.79 -6.18
CA PHE A 352 56.77 -9.07 -5.55
C PHE A 352 56.66 -8.89 -4.03
N GLU A 353 56.70 -10.00 -3.35
CA GLU A 353 56.67 -10.09 -1.93
C GLU A 353 55.32 -9.78 -1.38
N CYS A 354 55.14 -8.58 -0.85
CA CYS A 354 53.92 -8.16 -0.10
C CYS A 354 53.62 -9.10 1.12
N SER A 355 53.39 -10.36 0.83
CA SER A 355 53.14 -11.43 1.77
C SER A 355 53.63 -12.71 1.06
N PRO A 356 54.26 -13.66 1.80
CA PRO A 356 54.88 -14.91 1.24
C PRO A 356 54.14 -15.54 0.04
N ASP A 357 54.82 -15.54 -1.11
CA ASP A 357 54.33 -16.07 -2.39
C ASP A 357 53.09 -15.32 -2.84
N ASN A 358 53.29 -14.33 -3.65
CA ASN A 358 52.22 -13.42 -4.04
C ASN A 358 51.48 -13.71 -5.37
N PRO A 359 52.10 -14.25 -6.46
CA PRO A 359 51.40 -14.34 -7.72
C PRO A 359 50.73 -15.68 -7.99
N MET A 360 49.40 -15.67 -7.91
CA MET A 360 48.45 -16.68 -8.47
C MET A 360 47.26 -16.87 -7.60
N PHE A 361 46.08 -16.91 -8.21
CA PHE A 361 44.82 -17.44 -7.62
C PHE A 361 43.66 -16.91 -8.44
N THR A 362 42.71 -17.79 -8.69
CA THR A 362 41.38 -17.49 -9.20
C THR A 362 41.24 -16.49 -10.36
N PRO A 363 41.50 -16.87 -11.61
CA PRO A 363 41.18 -15.98 -12.70
C PRO A 363 39.78 -16.31 -13.21
N SER A 364 39.37 -15.70 -14.33
CA SER A 364 38.03 -15.83 -14.86
C SER A 364 36.97 -15.53 -13.75
N PRO A 365 36.45 -14.28 -13.70
CA PRO A 365 35.52 -13.80 -12.64
C PRO A 365 34.45 -14.81 -12.16
N ASP A 366 33.95 -15.66 -13.04
CA ASP A 366 32.97 -16.66 -12.63
C ASP A 366 33.34 -18.00 -13.26
N GLY A 367 34.58 -18.09 -13.69
CA GLY A 367 35.11 -19.30 -14.29
C GLY A 367 35.98 -20.06 -13.32
N SER A 368 35.97 -19.59 -12.11
CA SER A 368 36.68 -20.16 -10.99
C SER A 368 35.86 -19.74 -9.79
N PRO A 369 36.07 -20.31 -8.60
CA PRO A 369 35.41 -19.84 -7.40
C PRO A 369 36.31 -18.84 -6.64
N PRO A 370 36.15 -17.50 -6.86
CA PRO A 370 36.96 -16.49 -6.17
C PRO A 370 36.80 -16.59 -4.66
N ASN A 371 35.56 -16.87 -4.22
CA ASN A 371 35.22 -17.05 -2.80
C ASN A 371 35.25 -15.73 -1.99
N CYS A 372 34.48 -15.70 -0.90
CA CYS A 372 34.44 -14.61 0.08
C CYS A 372 33.76 -13.33 -0.48
N SER A 373 32.85 -13.56 -1.44
CA SER A 373 31.93 -12.60 -2.10
C SER A 373 31.40 -13.21 -3.42
N PRO A 374 32.22 -13.38 -4.48
CA PRO A 374 31.77 -14.07 -5.67
C PRO A 374 31.99 -15.55 -5.47
N THR A 375 30.88 -16.31 -5.29
CA THR A 375 30.81 -17.79 -4.98
C THR A 375 29.99 -17.95 -3.67
N MET A 376 29.62 -16.79 -3.08
CA MET A 376 28.92 -16.69 -1.77
C MET A 376 27.80 -17.70 -1.58
N LEU A 377 26.93 -17.82 -2.57
CA LEU A 377 25.86 -18.79 -2.49
C LEU A 377 26.43 -20.11 -3.01
N PRO A 378 26.57 -21.12 -2.14
CA PRO A 378 27.17 -22.37 -2.51
C PRO A 378 26.20 -23.34 -3.17
N SER A 379 26.58 -23.83 -4.31
CA SER A 379 25.86 -24.84 -5.02
C SER A 379 26.92 -25.66 -5.75
N PRO A 380 27.54 -26.63 -5.06
CA PRO A 380 28.64 -27.39 -5.61
C PRO A 380 28.21 -28.54 -6.54
N SER A 381 27.76 -29.63 -5.95
CA SER A 381 27.52 -30.83 -6.70
C SER A 381 26.53 -31.81 -5.98
N PRO A 382 26.67 -32.08 -4.62
CA PRO A 382 25.77 -33.00 -3.89
C PRO A 382 24.27 -32.71 -4.09
N SER A 383 23.64 -33.53 -4.89
CA SER A 383 22.23 -33.46 -5.10
C SER A 383 21.57 -34.67 -4.42
N ALA A 384 21.65 -35.82 -5.06
CA ALA A 384 21.13 -37.06 -4.52
C ALA A 384 22.27 -37.88 -3.98
N VAL A 385 23.42 -37.26 -3.90
CA VAL A 385 24.59 -37.90 -3.41
C VAL A 385 25.18 -37.08 -2.29
N THR A 386 25.45 -37.73 -1.20
CA THR A 386 26.13 -37.15 -0.09
C THR A 386 26.95 -38.25 0.56
N VAL A 387 28.08 -38.50 -0.03
CA VAL A 387 28.98 -39.53 0.41
C VAL A 387 30.36 -38.93 0.63
N PRO A 388 30.66 -38.51 1.85
CA PRO A 388 31.99 -38.02 2.20
C PRO A 388 32.98 -39.19 2.22
N LEU A 389 32.73 -40.14 3.10
CA LEU A 389 33.56 -41.33 3.18
C LEU A 389 32.69 -42.55 3.03
N THR A 390 31.77 -42.71 3.96
CA THR A 390 30.88 -43.83 4.01
C THR A 390 29.84 -43.74 2.89
N PRO A 391 29.79 -44.76 2.03
CA PRO A 391 28.86 -44.81 0.92
C PRO A 391 27.48 -45.23 1.35
N ALA A 392 26.53 -45.08 0.47
CA ALA A 392 25.18 -45.48 0.70
C ALA A 392 24.72 -46.21 -0.55
N PRO A 393 23.94 -47.29 -0.42
CA PRO A 393 23.39 -47.99 -1.57
C PRO A 393 22.49 -47.07 -2.36
N SER A 394 22.93 -46.72 -3.55
CA SER A 394 22.21 -45.80 -4.42
C SER A 394 20.83 -46.35 -4.74
N SER A 395 19.82 -45.71 -4.22
CA SER A 395 18.46 -46.06 -4.51
C SER A 395 17.64 -44.81 -4.68
N ALA A 396 17.66 -44.31 -5.87
CA ALA A 396 16.96 -43.11 -6.24
C ALA A 396 16.23 -43.38 -7.55
N PRO A 397 15.27 -42.53 -7.97
CA PRO A 397 14.60 -42.69 -9.27
C PRO A 397 15.54 -42.35 -10.45
N THR A 398 16.61 -43.11 -10.55
CA THR A 398 17.61 -42.94 -11.55
C THR A 398 17.12 -43.54 -12.87
N ARG A 399 16.45 -42.73 -13.64
CA ARG A 399 15.99 -43.14 -14.92
C ARG A 399 16.70 -42.32 -15.97
N GLN A 400 17.42 -42.98 -16.83
CA GLN A 400 18.20 -42.33 -17.85
C GLN A 400 18.40 -43.32 -19.00
N PRO A 401 17.68 -43.13 -20.12
CA PRO A 401 17.75 -44.03 -21.28
C PRO A 401 19.14 -44.08 -21.92
N SER A 402 19.37 -45.13 -22.65
CA SER A 402 20.60 -45.37 -23.34
C SER A 402 20.47 -44.87 -24.77
N SER A 403 21.48 -44.15 -25.25
CA SER A 403 21.45 -43.65 -26.61
C SER A 403 21.81 -44.78 -27.58
N GLN A 404 20.82 -45.27 -28.28
CA GLN A 404 20.99 -46.37 -29.20
C GLN A 404 20.28 -46.07 -30.51
N PRO A 405 21.02 -45.79 -31.60
CA PRO A 405 20.42 -45.56 -32.91
C PRO A 405 20.06 -46.88 -33.62
N THR A 406 19.36 -46.78 -34.74
CA THR A 406 18.99 -47.93 -35.51
C THR A 406 18.96 -47.56 -37.00
N GLY A 407 19.02 -48.56 -37.84
CA GLY A 407 19.03 -48.34 -39.25
C GLY A 407 20.39 -48.65 -39.82
N PRO A 408 20.50 -49.64 -40.73
CA PRO A 408 21.79 -50.02 -41.33
C PRO A 408 22.41 -48.86 -42.09
N GLN A 409 23.58 -48.47 -41.68
CA GLN A 409 24.30 -47.40 -42.33
C GLN A 409 25.54 -47.96 -43.02
N PRO A 410 25.52 -48.08 -44.34
CA PRO A 410 26.69 -48.51 -45.08
C PRO A 410 27.75 -47.41 -45.05
N SER A 411 28.94 -47.75 -44.63
CA SER A 411 30.00 -46.78 -44.47
C SER A 411 30.91 -46.77 -45.70
N SER A 412 30.57 -47.55 -46.68
CA SER A 412 31.28 -47.60 -47.92
C SER A 412 30.30 -47.84 -49.05
N GLN A 413 30.21 -46.91 -49.95
CA GLN A 413 29.38 -47.05 -51.10
C GLN A 413 30.20 -46.88 -52.37
N PRO A 414 30.77 -45.68 -52.70
CA PRO A 414 31.62 -45.57 -53.88
C PRO A 414 32.94 -46.28 -53.63
N SER A 415 32.99 -47.56 -53.94
CA SER A 415 34.17 -48.35 -53.64
C SER A 415 34.39 -49.47 -54.67
N GLU A 416 33.32 -50.06 -55.19
CA GLU A 416 33.45 -51.19 -56.12
C GLU A 416 33.99 -50.73 -57.47
N CYS A 417 33.18 -50.05 -58.22
CA CYS A 417 33.60 -49.54 -59.49
C CYS A 417 33.09 -48.13 -59.63
N ALA A 418 31.79 -48.00 -59.75
CA ALA A 418 31.19 -46.70 -59.86
C ALA A 418 30.04 -46.60 -58.90
N ASP A 419 30.16 -45.64 -57.98
CA ASP A 419 29.10 -45.22 -57.03
C ASP A 419 28.71 -46.25 -55.94
N VAL A 420 28.52 -47.50 -56.30
CA VAL A 420 28.05 -48.50 -55.35
C VAL A 420 29.10 -49.53 -54.95
N LEU A 421 28.71 -50.40 -54.01
CA LEU A 421 29.55 -51.46 -53.45
C LEU A 421 28.68 -52.61 -52.94
N GLU A 422 27.51 -52.27 -52.41
CA GLU A 422 26.57 -53.27 -51.90
C GLU A 422 26.15 -54.24 -53.03
N LEU A 423 25.84 -55.48 -52.66
CA LEU A 423 25.54 -56.53 -53.62
C LEU A 423 24.22 -56.33 -54.37
N CYS A 424 24.38 -55.99 -55.63
CA CYS A 424 23.29 -55.73 -56.57
C CYS A 424 23.77 -55.25 -57.97
N PRO A 425 25.02 -54.69 -58.21
CA PRO A 425 25.33 -54.09 -59.48
C PRO A 425 26.34 -54.84 -60.43
N TYR A 426 26.54 -54.21 -61.64
CA TYR A 426 27.39 -54.61 -62.81
C TYR A 426 26.61 -55.28 -63.97
N ASP A 427 26.13 -54.40 -64.93
CA ASP A 427 25.42 -54.70 -66.26
C ASP A 427 24.28 -55.73 -66.30
N THR A 428 24.32 -56.76 -65.51
CA THR A 428 23.38 -57.86 -65.63
C THR A 428 21.95 -57.56 -65.10
N CYS A 429 21.40 -56.55 -65.67
CA CYS A 429 20.02 -56.19 -65.62
C CYS A 429 19.60 -56.06 -67.07
N PHE A 430 20.65 -56.16 -67.95
CA PHE A 430 20.57 -56.02 -69.38
C PHE A 430 20.48 -54.58 -69.76
N LEU A 431 21.67 -53.96 -69.90
CA LEU A 431 21.83 -52.53 -70.22
C LEU A 431 21.63 -51.66 -68.98
N PRO A 432 22.28 -50.48 -68.92
CA PRO A 432 22.15 -49.59 -67.79
C PRO A 432 20.75 -49.00 -67.68
N PHE A 433 20.25 -48.84 -66.45
CA PHE A 433 18.91 -48.27 -66.26
C PHE A 433 18.87 -46.85 -66.79
N ASP A 434 19.95 -46.13 -66.58
CA ASP A 434 20.05 -44.79 -67.10
C ASP A 434 20.71 -44.80 -68.47
N ASP A 435 19.97 -45.33 -69.40
CA ASP A 435 20.36 -45.31 -70.80
C ASP A 435 19.21 -44.73 -71.58
N SER A 436 18.21 -45.53 -71.86
CA SER A 436 16.99 -45.08 -72.49
C SER A 436 15.83 -45.94 -72.02
N SER A 437 15.96 -47.25 -72.20
CA SER A 437 15.01 -48.19 -71.70
C SER A 437 15.57 -49.60 -71.82
N ARG A 438 15.89 -50.17 -70.69
CA ARG A 438 16.28 -51.54 -70.61
C ARG A 438 15.12 -52.32 -70.02
N PRO A 439 15.11 -53.70 -70.02
CA PRO A 439 13.99 -54.53 -69.47
C PRO A 439 13.34 -53.88 -68.24
N PRO A 440 12.01 -53.86 -68.19
CA PRO A 440 11.26 -53.06 -67.21
C PRO A 440 11.52 -53.36 -65.73
N ASP A 441 11.23 -52.37 -64.91
CA ASP A 441 11.55 -52.32 -63.46
C ASP A 441 10.55 -53.10 -62.60
N CYS A 442 10.03 -54.21 -63.12
CA CYS A 442 9.09 -55.13 -62.40
C CYS A 442 7.84 -54.45 -61.80
N THR A 443 8.05 -53.86 -60.62
CA THR A 443 7.09 -53.15 -59.83
C THR A 443 6.71 -51.78 -60.40
N ASP A 444 7.73 -50.96 -60.69
CA ASP A 444 7.53 -49.51 -61.01
C ASP A 444 6.38 -49.21 -62.00
N PRO A 445 6.38 -49.75 -63.24
CA PRO A 445 5.30 -49.51 -64.17
C PRO A 445 4.27 -50.63 -64.13
N SER A 446 4.41 -51.55 -63.16
CA SER A 446 3.62 -52.76 -63.04
C SER A 446 3.67 -53.56 -64.34
N VAL A 447 4.73 -54.31 -64.50
CA VAL A 447 4.90 -55.01 -65.76
C VAL A 447 4.84 -56.51 -65.62
N ASN A 448 5.14 -57.01 -64.44
CA ASN A 448 5.28 -58.43 -64.28
C ASN A 448 5.38 -58.79 -62.82
N ARG A 449 6.07 -57.98 -62.03
CA ARG A 449 6.32 -58.37 -60.66
C ARG A 449 6.30 -57.19 -59.72
N PRO A 450 5.13 -56.87 -59.13
CA PRO A 450 5.03 -55.78 -58.12
C PRO A 450 5.64 -56.24 -56.79
N ASP A 451 5.95 -57.50 -56.78
CA ASP A 451 6.59 -58.18 -55.68
C ASP A 451 8.09 -57.89 -55.63
N CYS A 452 8.70 -57.70 -56.79
CA CYS A 452 10.13 -57.45 -56.85
C CYS A 452 10.37 -55.97 -56.63
N ASP A 453 10.30 -55.56 -55.37
CA ASP A 453 10.38 -54.16 -55.01
C ASP A 453 11.66 -53.81 -54.25
N LYS A 454 11.65 -53.93 -52.92
CA LYS A 454 12.81 -53.52 -52.13
C LYS A 454 13.87 -54.58 -52.02
N LEU A 455 14.64 -54.75 -53.11
CA LEU A 455 15.86 -55.59 -53.20
C LEU A 455 15.58 -57.12 -53.07
N SER A 456 14.80 -57.47 -52.06
CA SER A 456 14.51 -58.81 -51.58
C SER A 456 15.66 -59.21 -50.63
N THR A 457 15.59 -60.37 -50.07
CA THR A 457 16.60 -60.82 -49.13
C THR A 457 16.40 -62.31 -48.83
N ALA A 458 15.21 -62.67 -48.35
CA ALA A 458 14.90 -64.06 -48.07
C ALA A 458 13.46 -64.34 -48.47
N ILE A 459 12.92 -63.45 -49.29
CA ILE A 459 11.56 -63.58 -49.76
C ILE A 459 11.56 -64.68 -50.81
N ASP A 460 12.21 -64.37 -51.91
CA ASP A 460 12.46 -65.27 -53.02
C ASP A 460 13.16 -64.46 -54.05
N PHE A 461 13.60 -65.11 -55.06
CA PHE A 461 14.16 -64.45 -56.19
C PHE A 461 13.72 -65.17 -57.43
N THR A 462 12.52 -64.87 -57.84
CA THR A 462 11.97 -65.47 -59.03
C THR A 462 11.58 -64.42 -60.06
N CYS A 463 12.15 -63.22 -59.93
CA CYS A 463 11.94 -62.13 -60.87
C CYS A 463 12.53 -62.53 -62.24
N PRO A 464 11.71 -62.84 -63.26
CA PRO A 464 12.20 -63.32 -64.53
C PRO A 464 12.29 -62.26 -65.64
N THR A 465 11.13 -61.86 -66.14
CA THR A 465 10.98 -61.00 -67.29
C THR A 465 11.48 -59.57 -67.02
N CYS A 466 11.57 -59.21 -65.78
CA CYS A 466 11.88 -57.86 -65.44
C CYS A 466 13.05 -57.78 -64.45
N CYS A 467 13.46 -56.57 -64.14
CA CYS A 467 14.57 -56.29 -63.28
C CYS A 467 14.00 -55.58 -62.04
N PRO A 468 14.44 -55.95 -60.78
CA PRO A 468 13.95 -55.28 -59.58
C PRO A 468 14.40 -53.82 -59.54
N THR A 469 15.62 -53.59 -60.02
CA THR A 469 16.28 -52.27 -60.10
C THR A 469 16.60 -51.63 -58.72
N GLN A 470 15.61 -51.62 -57.82
CA GLN A 470 15.70 -50.95 -56.55
C GLN A 470 16.83 -51.47 -55.64
N CYS A 471 17.89 -50.74 -55.70
CA CYS A 471 19.08 -50.86 -54.90
C CYS A 471 19.66 -49.48 -54.99
N ARG A 472 20.49 -49.04 -54.03
CA ARG A 472 21.05 -47.67 -54.04
C ARG A 472 19.98 -46.62 -53.69
N PRO A 473 20.17 -45.89 -52.56
CA PRO A 473 19.27 -44.79 -52.18
C PRO A 473 19.22 -43.75 -53.30
N ASP A 474 18.01 -43.46 -53.71
CA ASP A 474 17.69 -42.62 -54.87
C ASP A 474 18.06 -43.32 -56.15
N ASN A 475 17.24 -44.25 -56.49
CA ASN A 475 17.36 -45.03 -57.71
C ASN A 475 16.29 -44.70 -58.77
N PRO A 476 14.99 -44.29 -58.40
CA PRO A 476 13.99 -43.88 -59.39
C PRO A 476 14.53 -42.82 -60.36
N MET A 477 14.12 -42.93 -61.59
CA MET A 477 14.58 -42.09 -62.64
C MET A 477 13.52 -42.03 -63.70
N PHE A 478 13.48 -40.96 -64.42
CA PHE A 478 12.56 -40.79 -65.50
C PHE A 478 13.29 -39.96 -66.52
N SER A 479 13.13 -40.32 -67.78
CA SER A 479 13.88 -39.70 -68.88
C SER A 479 15.38 -39.99 -68.69
N PRO A 480 15.82 -41.21 -69.05
CA PRO A 480 17.23 -41.61 -68.93
C PRO A 480 18.16 -40.80 -69.86
N SER A 481 19.38 -41.23 -69.99
CA SER A 481 20.36 -40.41 -70.65
C SER A 481 21.15 -41.21 -71.68
N PRO A 482 20.84 -41.08 -72.97
CA PRO A 482 21.53 -41.79 -74.04
C PRO A 482 22.87 -41.14 -74.40
N ASP A 483 23.17 -40.06 -73.70
CA ASP A 483 24.42 -39.36 -73.88
C ASP A 483 24.85 -38.80 -72.53
N GLY A 484 24.48 -39.51 -71.49
CA GLY A 484 24.86 -39.09 -70.18
C GLY A 484 26.18 -39.69 -69.79
N SER A 485 26.12 -40.82 -69.15
CA SER A 485 27.27 -41.59 -68.76
C SER A 485 26.77 -42.98 -68.44
N PRO A 486 27.11 -44.00 -69.26
CA PRO A 486 26.62 -45.35 -69.05
C PRO A 486 27.20 -45.99 -67.78
N PRO A 487 26.37 -46.16 -66.73
CA PRO A 487 26.79 -46.72 -65.45
C PRO A 487 26.82 -48.25 -65.48
N VAL A 488 27.32 -48.79 -66.58
CA VAL A 488 27.38 -50.23 -66.80
C VAL A 488 28.26 -50.91 -65.76
N CYS A 489 29.28 -50.20 -65.33
CA CYS A 489 30.17 -50.73 -64.36
C CYS A 489 29.60 -50.44 -62.99
N SER A 490 28.72 -51.33 -62.61
CA SER A 490 28.03 -51.36 -61.36
C SER A 490 26.55 -50.87 -61.40
N PRO A 491 26.18 -49.56 -61.16
CA PRO A 491 24.77 -49.17 -60.99
C PRO A 491 23.93 -49.45 -62.22
N THR A 492 23.32 -50.62 -62.25
CA THR A 492 22.61 -51.14 -63.38
C THR A 492 22.04 -52.51 -63.05
N MET A 493 22.91 -53.45 -62.61
CA MET A 493 22.54 -54.89 -62.46
C MET A 493 21.30 -55.13 -61.61
N MET A 494 20.63 -56.24 -61.86
CA MET A 494 19.50 -56.63 -61.07
C MET A 494 20.02 -57.22 -59.77
N PRO A 495 19.48 -56.76 -58.65
CA PRO A 495 19.80 -57.33 -57.35
C PRO A 495 19.50 -58.82 -57.34
N SER A 496 20.34 -59.58 -56.73
CA SER A 496 20.13 -61.00 -56.64
C SER A 496 20.59 -61.49 -55.27
N PRO A 497 19.72 -61.38 -54.25
CA PRO A 497 20.05 -61.84 -52.93
C PRO A 497 20.13 -63.36 -52.89
N LEU A 498 21.27 -63.87 -52.42
CA LEU A 498 21.55 -65.31 -52.35
C LEU A 498 21.83 -65.88 -53.75
N PRO A 499 22.71 -66.92 -53.86
CA PRO A 499 23.03 -67.59 -55.14
C PRO A 499 21.77 -67.96 -55.92
N SER A 500 20.74 -68.39 -55.19
CA SER A 500 19.42 -68.67 -55.73
C SER A 500 19.43 -69.78 -56.79
N PRO A 501 19.05 -71.02 -56.39
CA PRO A 501 19.01 -72.19 -57.30
C PRO A 501 18.09 -71.96 -58.51
N THR A 502 17.17 -71.02 -58.38
CA THR A 502 16.20 -70.61 -59.41
C THR A 502 15.31 -71.75 -59.90
N GLU A 503 14.95 -72.63 -58.98
CA GLU A 503 14.01 -73.69 -59.25
C GLU A 503 12.98 -73.71 -58.15
#